data_6HOP
#
_entry.id   6HOP
#
_cell.length_a   58.158
_cell.length_b   46.303
_cell.length_c   63.344
_cell.angle_alpha   90.000
_cell.angle_beta   111.900
_cell.angle_gamma   90.000
#
_symmetry.space_group_name_H-M   'P 1 21 1'
#
loop_
_entity.id
_entity.type
_entity.pdbx_description
1 polymer 'Casein kinase II subunit alpha'
2 non-polymer 'SULFATE ION'
3 non-polymer 1,2-ETHANEDIOL
4 non-polymer '3-(4-HYDROXY-3-METHOXYPHENYL)-2-PROPENOIC ACID'
5 non-polymer 4-hydroxy-3-methoxybenzaldehyde
6 non-polymer (~{E})-4-(3-methoxy-4-oxidanyl-phenyl)but-3-en-2-one
7 non-polymer (2E)-3-(4-hydroxy-3-methoxyphenyl)prop-2-enal
8 water water
#
_entity_poly.entity_id   1
_entity_poly.type   'polypeptide(L)'
_entity_poly.pdbx_seq_one_letter_code
;MSGPVPSRARVYTDVNTHRPREYWDYESHVVEWGNQDDYQLVRKLGRGKYSEVFEAINITNNEKVVVKILKPVKKKKIKR
EIKILENLRGGPNIITLADIVKDPVSRTPALVFEHVNNTDFKQLYQTLTDYDIRFYMYEILKALDYCHSMGIMHRDVKPH
NVMIDHEHRKLRLIDWGLAEFYHPGQEYNVRVASRYFKGPELLVDYQMYDYSLDMWSLGCMLASMIFRKEPFFHGHDNYD
QLVRIAKVLGTEDLYDYIDKYNIELDPRFNDILGRHSRKRWERFVHSENQHLVSPEALDFLDKLLRYDHQSRLTAREAME
HPYFYTVVKDQARMGS
;
_entity_poly.pdbx_strand_id   A
#
# COMPACT_ATOMS: atom_id res chain seq x y z
N GLY A 3 8.84 28.54 -0.28
CA GLY A 3 8.90 27.09 -0.26
C GLY A 3 7.60 26.45 0.18
N PRO A 4 7.54 25.11 0.15
CA PRO A 4 6.31 24.40 0.51
C PRO A 4 5.99 24.49 2.00
N VAL A 5 4.71 24.50 2.34
CA VAL A 5 4.27 24.45 3.73
C VAL A 5 4.54 23.06 4.27
N PRO A 6 5.13 22.96 5.47
CA PRO A 6 5.37 21.65 6.08
C PRO A 6 4.09 20.92 6.47
N SER A 7 4.19 19.59 6.60
CA SER A 7 3.07 18.75 6.96
C SER A 7 3.48 17.72 8.02
N ARG A 8 2.53 17.31 8.86
CA ARG A 8 2.73 16.22 9.83
C ARG A 8 1.60 15.23 9.74
N ALA A 9 1.89 13.95 9.97
CA ALA A 9 0.83 12.95 10.15
C ALA A 9 -0.05 13.38 11.31
N ARG A 10 -1.35 13.20 11.17
CA ARG A 10 -2.28 13.58 12.23
C ARG A 10 -2.37 12.50 13.31
N VAL A 11 -1.78 11.34 13.04
CA VAL A 11 -1.72 10.24 14.01
C VAL A 11 -0.36 9.57 13.99
N TYR A 12 -0.04 8.86 15.07
CA TYR A 12 1.24 8.16 15.20
C TYR A 12 2.41 9.03 14.80
N THR A 13 2.31 10.32 15.10
CA THR A 13 3.27 11.28 14.60
C THR A 13 4.66 11.03 15.13
N ASP A 14 4.76 10.73 16.42
CA ASP A 14 6.04 10.62 17.10
C ASP A 14 6.39 9.21 17.58
N VAL A 15 5.82 8.20 16.95
CA VAL A 15 6.09 6.83 17.39
CA VAL A 15 6.08 6.81 17.32
C VAL A 15 7.57 6.49 17.30
N ASN A 16 8.23 6.88 16.20
CA ASN A 16 9.64 6.56 16.04
C ASN A 16 10.53 7.46 16.89
N THR A 17 10.04 8.66 17.19
CA THR A 17 10.76 9.58 18.05
C THR A 17 11.03 8.93 19.41
N HIS A 18 10.05 8.17 19.89
CA HIS A 18 10.10 7.64 21.24
C HIS A 18 10.43 6.15 21.30
N ARG A 19 10.66 5.55 20.14
CA ARG A 19 11.21 4.20 20.05
C ARG A 19 12.70 4.26 20.34
N PRO A 20 13.30 3.15 20.80
CA PRO A 20 14.76 3.18 20.86
C PRO A 20 15.33 3.31 19.45
N ARG A 21 16.52 3.90 19.32
CA ARG A 21 17.12 4.14 18.01
C ARG A 21 17.20 2.85 17.19
N GLU A 22 17.60 1.76 17.84
CA GLU A 22 17.67 0.44 17.21
C GLU A 22 16.47 0.12 16.32
N TYR A 23 15.30 0.58 16.75
CA TYR A 23 14.05 0.26 16.05
C TYR A 23 13.99 0.78 14.62
N TRP A 24 14.40 2.03 14.43
CA TRP A 24 14.21 2.66 13.13
C TRP A 24 15.52 2.87 12.38
N ASP A 25 16.64 2.71 13.08
CA ASP A 25 17.94 2.91 12.47
C ASP A 25 18.38 1.65 11.72
N TYR A 26 17.80 1.42 10.54
CA TYR A 26 17.98 0.15 9.87
C TYR A 26 19.37 -0.05 9.27
N GLU A 27 20.06 1.06 8.99
CA GLU A 27 21.41 1.00 8.44
C GLU A 27 22.40 0.30 9.38
N SER A 28 22.10 0.29 10.68
CA SER A 28 22.96 -0.33 11.68
C SER A 28 22.51 -1.75 12.03
N HIS A 29 21.38 -2.16 11.48
CA HIS A 29 20.84 -3.48 11.76
C HIS A 29 21.83 -4.58 11.38
N VAL A 30 21.97 -5.57 12.25
CA VAL A 30 22.83 -6.70 11.95
C VAL A 30 21.97 -7.93 11.64
N VAL A 31 22.09 -8.45 10.43
CA VAL A 31 21.25 -9.54 9.98
C VAL A 31 21.62 -10.84 10.67
N GLU A 32 20.63 -11.56 11.17
CA GLU A 32 20.84 -12.88 11.72
C GLU A 32 20.48 -13.93 10.67
N TRP A 33 21.50 -14.61 10.16
CA TRP A 33 21.34 -15.50 9.01
C TRP A 33 20.96 -16.92 9.43
N GLY A 34 20.01 -17.50 8.70
CA GLY A 34 19.63 -18.87 8.91
C GLY A 34 20.45 -19.79 8.02
N ASN A 35 20.03 -21.04 7.92
CA ASN A 35 20.74 -22.03 7.11
C ASN A 35 20.13 -22.13 5.73
N GLN A 36 20.89 -21.76 4.70
CA GLN A 36 20.36 -21.73 3.35
C GLN A 36 19.96 -23.13 2.86
N ASP A 37 20.59 -24.17 3.40
CA ASP A 37 20.30 -25.54 2.97
C ASP A 37 18.97 -26.04 3.50
N ASP A 38 18.33 -25.26 4.38
CA ASP A 38 17.00 -25.62 4.87
C ASP A 38 15.93 -25.50 3.80
N TYR A 39 16.23 -24.76 2.73
CA TYR A 39 15.19 -24.38 1.78
C TYR A 39 15.53 -24.86 0.38
N GLN A 40 14.59 -25.61 -0.20
CA GLN A 40 14.73 -26.13 -1.55
C GLN A 40 13.75 -25.41 -2.49
N LEU A 41 14.26 -24.72 -3.50
CA LEU A 41 13.41 -24.01 -4.45
C LEU A 41 12.63 -25.01 -5.31
N VAL A 42 11.34 -24.72 -5.52
CA VAL A 42 10.44 -25.65 -6.21
C VAL A 42 10.02 -25.09 -7.56
N ARG A 43 9.55 -23.85 -7.59
CA ARG A 43 9.23 -23.20 -8.85
C ARG A 43 9.25 -21.70 -8.72
N LYS A 44 9.56 -21.03 -9.82
CA LYS A 44 9.60 -19.59 -9.85
C LYS A 44 8.18 -19.08 -9.97
N LEU A 45 7.80 -18.14 -9.11
CA LEU A 45 6.46 -17.58 -9.13
C LEU A 45 6.42 -16.28 -9.94
N GLY A 46 7.50 -15.51 -9.85
CA GLY A 46 7.57 -14.25 -10.56
C GLY A 46 8.90 -13.54 -10.41
N ARG A 47 9.10 -12.54 -11.25
CA ARG A 47 10.26 -11.67 -11.17
C ARG A 47 9.78 -10.23 -11.20
N GLY A 48 10.09 -9.49 -10.14
CA GLY A 48 9.75 -8.09 -10.08
C GLY A 48 10.98 -7.25 -10.37
N LYS A 49 10.85 -5.95 -10.17
CA LYS A 49 11.95 -5.04 -10.42
C LYS A 49 13.10 -5.27 -9.42
N TYR A 50 12.78 -5.78 -8.24
CA TYR A 50 13.75 -5.81 -7.16
C TYR A 50 14.06 -7.20 -6.62
N SER A 51 13.37 -8.20 -7.15
CA SER A 51 13.51 -9.55 -6.63
C SER A 51 12.95 -10.61 -7.56
N GLU A 52 13.29 -11.86 -7.26
CA GLU A 52 12.64 -13.00 -7.85
C GLU A 52 12.01 -13.78 -6.72
N VAL A 53 10.81 -14.28 -6.96
CA VAL A 53 10.04 -14.96 -5.93
C VAL A 53 9.83 -16.41 -6.31
N PHE A 54 10.07 -17.31 -5.36
CA PHE A 54 9.97 -18.74 -5.59
C PHE A 54 9.06 -19.42 -4.59
N GLU A 55 8.32 -20.43 -5.04
CA GLU A 55 7.77 -21.37 -4.09
C GLU A 55 8.92 -22.32 -3.71
N ALA A 56 8.99 -22.67 -2.44
CA ALA A 56 10.03 -23.55 -1.96
C ALA A 56 9.50 -24.45 -0.86
N ILE A 57 10.32 -25.40 -0.45
CA ILE A 57 9.98 -26.27 0.66
C ILE A 57 11.03 -26.09 1.75
N ASN A 58 10.55 -25.96 2.97
CA ASN A 58 11.40 -25.98 4.15
C ASN A 58 11.60 -27.44 4.55
N ILE A 59 12.78 -27.99 4.27
CA ILE A 59 12.98 -29.43 4.46
C ILE A 59 13.18 -29.81 5.93
N THR A 60 13.12 -28.85 6.85
CA THR A 60 13.16 -29.18 8.26
C THR A 60 11.75 -29.46 8.79
N ASN A 61 10.72 -29.06 8.04
CA ASN A 61 9.34 -29.41 8.39
C ASN A 61 8.48 -29.84 7.21
N ASN A 62 9.10 -29.97 6.04
CA ASN A 62 8.41 -30.33 4.80
C ASN A 62 7.19 -29.46 4.51
N GLU A 63 7.25 -28.21 4.92
CA GLU A 63 6.17 -27.27 4.66
C GLU A 63 6.53 -26.28 3.55
N LYS A 64 5.51 -25.84 2.82
CA LYS A 64 5.69 -24.84 1.78
C LYS A 64 6.07 -23.50 2.36
N VAL A 65 7.02 -22.83 1.71
CA VAL A 65 7.36 -21.46 2.03
C VAL A 65 7.54 -20.69 0.74
N VAL A 66 7.71 -19.40 0.86
CA VAL A 66 8.01 -18.57 -0.30
C VAL A 66 9.37 -17.94 -0.07
N VAL A 67 10.21 -17.98 -1.08
CA VAL A 67 11.52 -17.38 -0.98
C VAL A 67 11.65 -16.22 -1.94
N LYS A 68 12.06 -15.08 -1.40
CA LYS A 68 12.23 -13.87 -2.18
C LYS A 68 13.72 -13.55 -2.28
N ILE A 69 14.32 -13.77 -3.44
CA ILE A 69 15.74 -13.53 -3.59
C ILE A 69 15.92 -12.12 -4.11
N LEU A 70 16.54 -11.27 -3.29
CA LEU A 70 16.63 -9.85 -3.63
C LEU A 70 17.65 -9.61 -4.72
N LYS A 71 17.33 -8.73 -5.65
CA LYS A 71 18.30 -8.32 -6.67
C LYS A 71 19.28 -7.39 -6.00
N PRO A 72 20.49 -7.24 -6.58
CA PRO A 72 21.43 -6.28 -6.01
C PRO A 72 20.89 -4.85 -5.92
N VAL A 73 20.66 -4.41 -4.68
CA VAL A 73 20.38 -3.01 -4.40
C VAL A 73 21.39 -2.58 -3.29
N LYS A 74 21.55 -1.27 -3.07
CA LYS A 74 22.21 -0.70 -1.89
C LYS A 74 21.82 -1.49 -0.63
N LYS A 75 22.73 -1.63 0.34
CA LYS A 75 22.49 -2.47 1.53
C LYS A 75 21.44 -1.90 2.47
N LYS A 76 21.21 -0.60 2.35
CA LYS A 76 20.26 0.12 3.20
C LYS A 76 18.82 -0.29 2.88
N LYS A 77 18.50 -0.34 1.59
CA LYS A 77 17.17 -0.75 1.12
C LYS A 77 16.95 -2.21 1.45
N ILE A 78 18.01 -3.00 1.35
CA ILE A 78 17.91 -4.38 1.77
C ILE A 78 17.67 -4.43 3.27
N LYS A 79 18.51 -3.73 4.02
CA LYS A 79 18.36 -3.71 5.48
C LYS A 79 17.06 -3.03 5.88
N ARG A 80 16.58 -2.09 5.07
CA ARG A 80 15.34 -1.40 5.40
C ARG A 80 14.18 -2.38 5.43
N GLU A 81 14.06 -3.15 4.35
CA GLU A 81 12.97 -4.09 4.22
C GLU A 81 13.06 -5.14 5.32
N ILE A 82 14.27 -5.65 5.54
CA ILE A 82 14.50 -6.65 6.58
C ILE A 82 14.10 -6.14 7.95
N LYS A 83 14.60 -4.96 8.31
CA LYS A 83 14.28 -4.38 9.62
C LYS A 83 12.78 -4.13 9.78
N ILE A 84 12.13 -3.68 8.71
CA ILE A 84 10.71 -3.38 8.80
C ILE A 84 9.92 -4.69 8.99
N LEU A 85 10.28 -5.73 8.25
CA LEU A 85 9.62 -7.02 8.37
C LEU A 85 9.79 -7.59 9.78
N GLU A 86 10.98 -7.44 10.34
CA GLU A 86 11.20 -7.93 11.71
C GLU A 86 10.43 -7.10 12.73
N ASN A 87 10.39 -5.78 12.54
CA ASN A 87 9.59 -4.94 13.43
C ASN A 87 8.11 -5.29 13.42
N LEU A 88 7.57 -5.62 12.25
CA LEU A 88 6.14 -5.85 12.08
C LEU A 88 5.70 -7.30 12.28
N ARG A 89 6.66 -8.21 12.45
CA ARG A 89 6.35 -9.63 12.49
C ARG A 89 5.34 -9.98 13.57
N GLY A 90 4.33 -10.77 13.20
CA GLY A 90 3.29 -11.17 14.14
C GLY A 90 2.10 -10.23 14.18
N GLY A 91 2.24 -9.06 13.56
CA GLY A 91 1.14 -8.11 13.47
C GLY A 91 0.02 -8.61 12.57
N PRO A 92 -1.19 -8.08 12.76
CA PRO A 92 -2.37 -8.57 12.03
C PRO A 92 -2.20 -8.48 10.53
N ASN A 93 -2.26 -9.63 9.85
CA ASN A 93 -2.26 -9.70 8.39
C ASN A 93 -0.98 -9.15 7.75
N ILE A 94 0.09 -9.09 8.54
CA ILE A 94 1.42 -8.77 8.02
C ILE A 94 2.09 -10.07 7.59
N ILE A 95 2.60 -10.13 6.37
CA ILE A 95 3.31 -11.33 5.94
C ILE A 95 4.44 -11.65 6.93
N THR A 96 4.56 -12.92 7.31
CA THR A 96 5.55 -13.33 8.29
C THR A 96 6.89 -13.68 7.66
N LEU A 97 7.91 -12.92 8.03
CA LEU A 97 9.28 -13.29 7.68
C LEU A 97 9.73 -14.44 8.59
N ALA A 98 9.96 -15.60 7.98
CA ALA A 98 10.30 -16.80 8.73
C ALA A 98 11.81 -16.96 8.90
N ASP A 99 12.58 -16.45 7.94
CA ASP A 99 14.02 -16.68 7.93
C ASP A 99 14.67 -15.74 6.92
N ILE A 100 15.98 -15.60 7.04
CA ILE A 100 16.79 -14.85 6.10
C ILE A 100 18.04 -15.67 5.85
N VAL A 101 18.31 -16.00 4.59
CA VAL A 101 19.50 -16.77 4.28
C VAL A 101 20.30 -16.10 3.16
N LYS A 102 21.59 -16.43 3.07
CA LYS A 102 22.41 -15.94 1.97
C LYS A 102 22.29 -16.87 0.77
N ASP A 103 21.77 -16.37 -0.34
CA ASP A 103 21.72 -17.21 -1.54
C ASP A 103 23.10 -17.31 -2.18
N PRO A 104 23.58 -18.53 -2.42
CA PRO A 104 24.94 -18.70 -2.93
C PRO A 104 25.12 -18.28 -4.39
N VAL A 105 24.02 -18.24 -5.14
CA VAL A 105 24.11 -17.91 -6.56
C VAL A 105 24.01 -16.41 -6.76
N SER A 106 23.02 -15.81 -6.12
CA SER A 106 22.80 -14.38 -6.32
C SER A 106 23.78 -13.57 -5.49
N ARG A 107 24.32 -14.20 -4.46
CA ARG A 107 25.17 -13.54 -3.46
C ARG A 107 24.42 -12.39 -2.79
N THR A 108 23.10 -12.54 -2.66
CA THR A 108 22.24 -11.55 -2.00
C THR A 108 21.37 -12.23 -0.95
N PRO A 109 20.69 -11.45 -0.10
CA PRO A 109 19.80 -12.09 0.87
C PRO A 109 18.57 -12.68 0.20
N ALA A 110 18.13 -13.84 0.71
CA ALA A 110 16.89 -14.46 0.30
C ALA A 110 15.98 -14.48 1.51
N LEU A 111 14.85 -13.77 1.42
CA LEU A 111 13.91 -13.71 2.51
C LEU A 111 12.93 -14.88 2.40
N VAL A 112 12.69 -15.54 3.51
CA VAL A 112 11.79 -16.69 3.54
C VAL A 112 10.52 -16.29 4.25
N PHE A 113 9.40 -16.47 3.55
CA PHE A 113 8.08 -16.07 4.08
C PHE A 113 7.18 -17.26 4.25
N GLU A 114 6.19 -17.11 5.12
CA GLU A 114 5.06 -18.01 5.15
C GLU A 114 4.47 -18.11 3.75
N HIS A 115 3.95 -19.28 3.40
CA HIS A 115 3.30 -19.43 2.11
C HIS A 115 1.84 -18.99 2.19
N VAL A 116 1.38 -18.22 1.22
CA VAL A 116 -0.05 -17.92 1.12
C VAL A 116 -0.61 -18.53 -0.15
N ASN A 117 -1.55 -19.45 0.00
CA ASN A 117 -2.19 -20.07 -1.15
C ASN A 117 -3.21 -19.12 -1.75
N ASN A 118 -2.73 -18.26 -2.65
CA ASN A 118 -3.50 -17.12 -3.15
C ASN A 118 -4.13 -17.34 -4.53
N THR A 119 -5.37 -16.90 -4.70
CA THR A 119 -5.92 -16.75 -6.04
C THR A 119 -5.63 -15.34 -6.51
N ASP A 120 -5.14 -15.25 -7.75
CA ASP A 120 -4.61 -14.00 -8.25
C ASP A 120 -5.73 -12.98 -8.47
N PHE A 121 -5.40 -11.71 -8.35
CA PHE A 121 -6.43 -10.68 -8.16
C PHE A 121 -7.31 -10.40 -9.40
N LYS A 122 -6.80 -10.62 -10.60
CA LYS A 122 -7.67 -10.43 -11.77
C LYS A 122 -8.87 -11.39 -11.74
N GLN A 123 -8.62 -12.64 -11.37
CA GLN A 123 -9.71 -13.62 -11.30
C GLN A 123 -10.52 -13.44 -10.02
N LEU A 124 -9.84 -13.21 -8.89
CA LEU A 124 -10.52 -13.04 -7.62
C LEU A 124 -11.47 -11.86 -7.60
N TYR A 125 -11.02 -10.72 -8.12
CA TYR A 125 -11.81 -9.50 -8.03
C TYR A 125 -13.10 -9.62 -8.86
N GLN A 126 -13.09 -10.54 -9.81
CA GLN A 126 -14.26 -10.76 -10.66
C GLN A 126 -15.37 -11.51 -9.93
N THR A 127 -15.02 -12.18 -8.84
CA THR A 127 -15.98 -13.02 -8.14
C THR A 127 -16.37 -12.49 -6.76
N LEU A 128 -15.65 -11.50 -6.26
CA LEU A 128 -15.92 -10.98 -4.92
C LEU A 128 -17.33 -10.43 -4.79
N THR A 129 -18.00 -10.81 -3.71
CA THR A 129 -19.32 -10.29 -3.41
C THR A 129 -19.16 -8.99 -2.62
N ASP A 130 -20.28 -8.31 -2.41
CA ASP A 130 -20.30 -7.11 -1.59
C ASP A 130 -19.70 -7.42 -0.23
N TYR A 131 -20.20 -8.49 0.38
CA TYR A 131 -19.69 -8.89 1.68
C TYR A 131 -18.18 -9.19 1.65
N ASP A 132 -17.72 -9.87 0.62
CA ASP A 132 -16.29 -10.16 0.49
C ASP A 132 -15.44 -8.87 0.48
N ILE A 133 -15.90 -7.87 -0.25
CA ILE A 133 -15.14 -6.63 -0.38
C ILE A 133 -15.01 -5.95 0.99
N ARG A 134 -16.11 -5.91 1.72
CA ARG A 134 -16.08 -5.26 3.02
C ARG A 134 -15.15 -6.04 3.95
N PHE A 135 -15.30 -7.35 3.95
CA PHE A 135 -14.50 -8.24 4.78
C PHE A 135 -13.00 -8.05 4.52
N TYR A 136 -12.60 -8.11 3.25
CA TYR A 136 -11.18 -8.04 2.94
C TYR A 136 -10.63 -6.63 3.11
N MET A 137 -11.44 -5.60 2.84
CA MET A 137 -11.03 -4.24 3.16
C MET A 137 -10.72 -4.07 4.64
N TYR A 138 -11.55 -4.66 5.49
CA TYR A 138 -11.37 -4.55 6.94
C TYR A 138 -10.05 -5.23 7.33
N GLU A 139 -9.77 -6.35 6.68
CA GLU A 139 -8.55 -7.10 6.94
C GLU A 139 -7.32 -6.29 6.52
N ILE A 140 -7.42 -5.59 5.39
CA ILE A 140 -6.31 -4.74 4.95
C ILE A 140 -6.09 -3.62 5.95
N LEU A 141 -7.19 -3.02 6.41
CA LEU A 141 -7.10 -1.93 7.39
C LEU A 141 -6.40 -2.37 8.69
N LYS A 142 -6.64 -3.61 9.13
CA LYS A 142 -5.93 -4.12 10.30
C LYS A 142 -4.42 -4.06 10.08
N ALA A 143 -3.99 -4.48 8.89
CA ALA A 143 -2.57 -4.45 8.58
C ALA A 143 -2.05 -3.02 8.51
N LEU A 144 -2.81 -2.13 7.89
CA LEU A 144 -2.36 -0.76 7.73
C LEU A 144 -2.35 -0.02 9.07
N ASP A 145 -3.39 -0.19 9.88
CA ASP A 145 -3.34 0.47 11.18
C ASP A 145 -2.18 -0.07 12.00
N TYR A 146 -1.94 -1.37 11.92
CA TYR A 146 -0.81 -1.92 12.66
C TYR A 146 0.51 -1.28 12.20
N CYS A 147 0.79 -1.29 10.90
CA CYS A 147 2.11 -0.80 10.50
C CYS A 147 2.21 0.71 10.74
N HIS A 148 1.15 1.46 10.50
CA HIS A 148 1.17 2.88 10.83
C HIS A 148 1.41 3.10 12.33
N SER A 149 0.73 2.32 13.16
CA SER A 149 0.89 2.44 14.60
C SER A 149 2.32 2.07 15.04
N MET A 150 3.02 1.33 14.19
CA MET A 150 4.40 0.95 14.43
C MET A 150 5.39 1.87 13.71
N GLY A 151 4.89 3.00 13.20
CA GLY A 151 5.76 4.01 12.60
C GLY A 151 6.21 3.77 11.17
N ILE A 152 5.47 2.94 10.46
CA ILE A 152 5.90 2.52 9.13
C ILE A 152 4.80 2.76 8.09
N MET A 153 5.18 3.36 6.96
CA MET A 153 4.23 3.46 5.85
C MET A 153 4.64 2.48 4.77
N HIS A 154 3.65 1.84 4.15
CA HIS A 154 3.92 0.76 3.21
C HIS A 154 4.39 1.29 1.86
N ARG A 155 3.65 2.27 1.33
CA ARG A 155 4.00 3.03 0.12
C ARG A 155 3.90 2.24 -1.18
N ASP A 156 3.36 1.03 -1.14
CA ASP A 156 3.12 0.30 -2.37
C ASP A 156 1.87 -0.56 -2.22
N VAL A 157 0.81 0.01 -1.67
CA VAL A 157 -0.43 -0.73 -1.55
C VAL A 157 -1.08 -0.82 -2.93
N LYS A 158 -1.37 -2.04 -3.36
CA LYS A 158 -2.00 -2.32 -4.65
C LYS A 158 -2.46 -3.77 -4.61
N PRO A 159 -3.37 -4.17 -5.52
CA PRO A 159 -3.90 -5.54 -5.48
C PRO A 159 -2.81 -6.63 -5.48
N HIS A 160 -1.74 -6.40 -6.25
CA HIS A 160 -0.66 -7.39 -6.37
C HIS A 160 -0.03 -7.68 -5.01
N ASN A 161 -0.08 -6.70 -4.12
CA ASN A 161 0.60 -6.85 -2.83
C ASN A 161 -0.32 -7.23 -1.69
N VAL A 162 -1.55 -7.57 -2.03
CA VAL A 162 -2.50 -8.02 -1.03
C VAL A 162 -2.84 -9.45 -1.38
N MET A 163 -2.15 -10.39 -0.75
CA MET A 163 -2.34 -11.81 -1.05
C MET A 163 -3.53 -12.36 -0.28
N ILE A 164 -4.45 -12.96 -1.02
CA ILE A 164 -5.67 -13.47 -0.41
C ILE A 164 -5.84 -14.95 -0.70
N ASP A 165 -5.91 -15.73 0.37
CA ASP A 165 -6.33 -17.12 0.32
C ASP A 165 -7.84 -17.14 0.54
N HIS A 166 -8.60 -17.22 -0.55
CA HIS A 166 -10.03 -17.08 -0.46
C HIS A 166 -10.70 -18.28 0.18
N GLU A 167 -10.04 -19.43 0.15
CA GLU A 167 -10.59 -20.63 0.80
C GLU A 167 -10.68 -20.47 2.31
N HIS A 168 -9.61 -19.96 2.92
CA HIS A 168 -9.58 -19.78 4.37
C HIS A 168 -9.83 -18.35 4.77
N ARG A 169 -10.17 -17.52 3.79
CA ARG A 169 -10.51 -16.13 4.04
C ARG A 169 -9.39 -15.44 4.82
N LYS A 170 -8.18 -15.66 4.33
CA LYS A 170 -6.94 -15.20 4.95
C LYS A 170 -6.26 -14.19 4.04
N LEU A 171 -5.76 -13.10 4.61
CA LEU A 171 -5.15 -12.04 3.82
C LEU A 171 -3.80 -11.64 4.39
N ARG A 172 -2.83 -11.37 3.52
CA ARG A 172 -1.53 -10.91 3.95
C ARG A 172 -1.07 -9.75 3.07
N LEU A 173 -0.61 -8.68 3.71
CA LEU A 173 -0.01 -7.56 3.01
C LEU A 173 1.48 -7.87 2.81
N ILE A 174 1.92 -7.89 1.54
CA ILE A 174 3.30 -8.30 1.20
C ILE A 174 4.09 -7.18 0.55
N ASP A 175 5.32 -7.53 0.16
CA ASP A 175 6.31 -6.65 -0.47
C ASP A 175 6.49 -5.31 0.23
N TRP A 176 7.24 -5.38 1.32
CA TRP A 176 7.59 -4.22 2.13
C TRP A 176 8.87 -3.56 1.64
N GLY A 177 9.23 -3.84 0.40
CA GLY A 177 10.47 -3.32 -0.15
C GLY A 177 10.50 -1.82 -0.41
N LEU A 178 9.32 -1.19 -0.50
CA LEU A 178 9.26 0.27 -0.60
C LEU A 178 8.88 0.95 0.71
N ALA A 179 8.63 0.17 1.75
CA ALA A 179 8.15 0.74 3.00
C ALA A 179 9.21 1.61 3.68
N GLU A 180 8.76 2.61 4.43
CA GLU A 180 9.68 3.49 5.14
C GLU A 180 9.22 3.79 6.55
N PHE A 181 10.18 4.18 7.38
CA PHE A 181 9.86 4.75 8.68
C PHE A 181 9.40 6.19 8.55
N TYR A 182 8.31 6.52 9.25
CA TYR A 182 7.82 7.87 9.30
C TYR A 182 8.50 8.67 10.40
N HIS A 183 9.12 9.78 10.01
CA HIS A 183 9.75 10.71 10.93
C HIS A 183 9.19 12.09 10.63
N PRO A 184 8.64 12.78 11.65
CA PRO A 184 7.99 14.08 11.42
C PRO A 184 8.94 15.05 10.74
N GLY A 185 8.50 15.67 9.64
CA GLY A 185 9.30 16.64 8.95
C GLY A 185 10.25 16.08 7.91
N GLN A 186 10.34 14.76 7.81
CA GLN A 186 11.25 14.15 6.84
C GLN A 186 10.68 14.24 5.43
N GLU A 187 11.53 14.56 4.47
CA GLU A 187 11.13 14.55 3.07
C GLU A 187 11.47 13.20 2.44
N TYR A 188 10.52 12.67 1.68
CA TYR A 188 10.63 11.32 1.13
C TYR A 188 10.66 11.33 -0.40
N ASN A 189 11.15 10.23 -0.97
CA ASN A 189 11.15 10.05 -2.41
C ASN A 189 9.70 9.97 -2.91
N VAL A 190 9.36 10.73 -3.95
CA VAL A 190 7.99 10.63 -4.46
C VAL A 190 7.87 9.52 -5.50
N ARG A 191 9.00 8.94 -5.92
CA ARG A 191 8.96 7.83 -6.88
C ARG A 191 8.72 6.50 -6.15
N VAL A 192 7.56 6.41 -5.52
CA VAL A 192 7.10 5.19 -4.89
C VAL A 192 5.68 4.86 -5.39
N ALA A 193 5.18 3.70 -4.98
CA ALA A 193 3.89 3.16 -5.43
C ALA A 193 3.81 2.96 -6.94
N SER A 194 2.84 2.16 -7.35
CA SER A 194 2.60 1.93 -8.75
C SER A 194 1.71 3.04 -9.30
N ARG A 195 1.88 3.38 -10.58
CA ARG A 195 1.22 4.56 -11.17
C ARG A 195 -0.23 4.74 -10.75
N TYR A 196 -1.04 3.69 -10.89
CA TYR A 196 -2.49 3.83 -10.69
C TYR A 196 -2.85 4.10 -9.25
N PHE A 197 -1.90 3.86 -8.34
CA PHE A 197 -2.16 3.95 -6.91
C PHE A 197 -1.41 5.10 -6.26
N LYS A 198 -0.70 5.89 -7.08
CA LYS A 198 0.06 7.02 -6.57
C LYS A 198 -0.86 8.10 -6.05
N GLY A 199 -0.58 8.60 -4.86
CA GLY A 199 -1.36 9.67 -4.28
C GLY A 199 -1.06 10.99 -4.95
N PRO A 200 -2.03 11.92 -4.91
CA PRO A 200 -1.82 13.26 -5.43
C PRO A 200 -0.53 13.88 -4.89
N GLU A 201 -0.17 13.61 -3.64
CA GLU A 201 1.05 14.20 -3.09
C GLU A 201 2.27 13.79 -3.91
N LEU A 202 2.32 12.53 -4.36
CA LEU A 202 3.43 12.09 -5.20
C LEU A 202 3.38 12.77 -6.56
N LEU A 203 2.18 12.90 -7.08
CA LEU A 203 2.00 13.39 -8.45
C LEU A 203 2.24 14.88 -8.57
N VAL A 204 2.17 15.61 -7.47
CA VAL A 204 2.51 17.03 -7.48
C VAL A 204 3.88 17.29 -6.84
N ASP A 205 4.60 16.22 -6.53
CA ASP A 205 5.99 16.29 -6.03
C ASP A 205 6.07 16.92 -4.63
N TYR A 206 5.11 16.58 -3.77
CA TYR A 206 5.15 17.01 -2.38
C TYR A 206 5.81 15.92 -1.53
N GLN A 207 6.98 16.23 -0.96
CA GLN A 207 7.80 15.17 -0.35
C GLN A 207 7.52 14.88 1.11
N MET A 208 6.85 15.79 1.82
CA MET A 208 6.70 15.63 3.26
C MET A 208 5.39 14.89 3.59
N TYR A 209 5.25 13.71 3.01
CA TYR A 209 4.01 12.94 3.14
C TYR A 209 4.11 11.92 4.27
N ASP A 210 3.09 11.09 4.43
CA ASP A 210 3.05 10.23 5.61
C ASP A 210 2.18 9.01 5.37
N TYR A 211 1.76 8.35 6.44
CA TYR A 211 0.93 7.15 6.37
C TYR A 211 -0.28 7.29 5.46
N SER A 212 -0.80 8.52 5.37
CA SER A 212 -2.03 8.77 4.62
C SER A 212 -1.91 8.48 3.12
N LEU A 213 -0.67 8.40 2.63
CA LEU A 213 -0.42 7.93 1.26
C LEU A 213 -1.07 6.56 1.03
N ASP A 214 -0.91 5.67 2.01
CA ASP A 214 -1.47 4.31 1.88
C ASP A 214 -2.99 4.34 1.79
N MET A 215 -3.59 5.37 2.36
CA MET A 215 -5.04 5.45 2.39
C MET A 215 -5.59 5.88 1.03
N TRP A 216 -4.85 6.73 0.30
CA TRP A 216 -5.21 6.99 -1.07
C TRP A 216 -5.14 5.70 -1.91
N SER A 217 -4.02 5.00 -1.80
CA SER A 217 -3.87 3.74 -2.52
C SER A 217 -5.03 2.78 -2.22
N LEU A 218 -5.37 2.63 -0.94
CA LEU A 218 -6.50 1.80 -0.54
C LEU A 218 -7.79 2.25 -1.20
N GLY A 219 -8.00 3.56 -1.26
CA GLY A 219 -9.17 4.08 -1.94
C GLY A 219 -9.23 3.72 -3.42
N CYS A 220 -8.07 3.76 -4.08
CA CYS A 220 -8.01 3.35 -5.48
C CYS A 220 -8.38 1.90 -5.64
N MET A 221 -7.91 1.06 -4.72
CA MET A 221 -8.30 -0.35 -4.69
C MET A 221 -9.81 -0.48 -4.49
N LEU A 222 -10.36 0.23 -3.50
CA LEU A 222 -11.79 0.12 -3.21
C LEU A 222 -12.63 0.51 -4.43
N ALA A 223 -12.23 1.59 -5.08
CA ALA A 223 -12.96 2.07 -6.25
C ALA A 223 -12.96 1.00 -7.35
N SER A 224 -11.80 0.37 -7.55
CA SER A 224 -11.71 -0.66 -8.57
C SER A 224 -12.59 -1.86 -8.25
N MET A 225 -12.76 -2.15 -6.97
CA MET A 225 -13.52 -3.33 -6.57
C MET A 225 -15.03 -3.05 -6.61
N ILE A 226 -15.49 -1.96 -6.03
CA ILE A 226 -16.94 -1.74 -5.98
C ILE A 226 -17.50 -1.30 -7.33
N PHE A 227 -16.67 -0.69 -8.18
CA PHE A 227 -17.15 -0.25 -9.50
C PHE A 227 -16.77 -1.25 -10.61
N ARG A 228 -15.99 -2.27 -10.25
CA ARG A 228 -15.57 -3.27 -11.22
C ARG A 228 -14.85 -2.62 -12.40
N LYS A 229 -13.80 -1.88 -12.07
CA LYS A 229 -13.00 -1.20 -13.06
C LYS A 229 -11.57 -1.16 -12.55
N GLU A 230 -10.71 -2.03 -13.09
CA GLU A 230 -9.37 -2.21 -12.55
C GLU A 230 -8.31 -1.96 -13.61
N PRO A 231 -7.46 -0.94 -13.40
CA PRO A 231 -7.53 -0.02 -12.26
C PRO A 231 -8.55 1.09 -12.50
N PHE A 232 -8.89 1.82 -11.45
CA PHE A 232 -9.90 2.86 -11.56
C PHE A 232 -9.39 4.11 -12.29
N PHE A 233 -8.31 4.70 -11.76
CA PHE A 233 -7.66 5.83 -12.40
C PHE A 233 -6.57 5.29 -13.32
N HIS A 234 -6.84 5.26 -14.63
CA HIS A 234 -5.99 4.52 -15.57
C HIS A 234 -5.13 5.44 -16.43
N GLY A 235 -4.14 6.06 -15.80
CA GLY A 235 -3.28 7.02 -16.48
C GLY A 235 -2.26 6.37 -17.40
N HIS A 236 -1.88 7.09 -18.45
CA HIS A 236 -0.88 6.57 -19.38
C HIS A 236 0.54 6.91 -18.93
N ASP A 237 0.65 7.87 -18.02
CA ASP A 237 1.91 8.23 -17.40
C ASP A 237 1.58 9.01 -16.14
N ASN A 238 2.58 9.51 -15.42
CA ASN A 238 2.32 10.15 -14.12
C ASN A 238 1.60 11.49 -14.27
N TYR A 239 1.74 12.14 -15.41
CA TYR A 239 1.05 13.40 -15.64
C TYR A 239 -0.42 13.13 -15.95
N ASP A 240 -0.66 12.23 -16.90
CA ASP A 240 -2.02 11.86 -17.24
C ASP A 240 -2.73 11.25 -16.03
N GLN A 241 -1.99 10.60 -15.15
CA GLN A 241 -2.58 10.04 -13.92
C GLN A 241 -3.25 11.14 -13.09
N LEU A 242 -2.56 12.28 -12.93
CA LEU A 242 -3.15 13.36 -12.15
C LEU A 242 -4.35 13.95 -12.90
N VAL A 243 -4.26 14.02 -14.23
CA VAL A 243 -5.40 14.54 -15.00
C VAL A 243 -6.63 13.64 -14.83
N ARG A 244 -6.42 12.31 -14.85
CA ARG A 244 -7.52 11.37 -14.66
C ARG A 244 -8.16 11.55 -13.29
N ILE A 245 -7.33 11.75 -12.27
CA ILE A 245 -7.87 12.02 -10.95
C ILE A 245 -8.67 13.34 -10.93
N ALA A 246 -8.13 14.36 -11.56
CA ALA A 246 -8.77 15.67 -11.59
C ALA A 246 -10.10 15.65 -12.34
N LYS A 247 -10.25 14.77 -13.32
CA LYS A 247 -11.54 14.68 -14.01
C LYS A 247 -12.64 14.12 -13.12
N VAL A 248 -12.26 13.53 -11.98
CA VAL A 248 -13.22 13.00 -11.03
C VAL A 248 -13.35 13.90 -9.80
N LEU A 249 -12.21 14.24 -9.19
CA LEU A 249 -12.24 15.06 -7.96
C LEU A 249 -12.35 16.56 -8.28
N GLY A 250 -12.12 16.91 -9.55
CA GLY A 250 -12.26 18.29 -10.00
C GLY A 250 -10.98 19.08 -9.88
N THR A 251 -10.85 20.12 -10.71
CA THR A 251 -9.63 20.92 -10.65
C THR A 251 -9.61 21.98 -9.57
N GLU A 252 -10.76 22.51 -9.14
CA GLU A 252 -10.72 23.56 -8.13
CA GLU A 252 -10.73 23.55 -8.12
C GLU A 252 -10.21 23.03 -6.79
N ASP A 253 -10.57 21.80 -6.44
CA ASP A 253 -10.06 21.23 -5.19
C ASP A 253 -8.60 20.82 -5.31
N LEU A 254 -8.13 20.55 -6.54
CA LEU A 254 -6.72 20.31 -6.76
C LEU A 254 -5.95 21.59 -6.52
N TYR A 255 -6.46 22.69 -7.03
CA TYR A 255 -5.79 23.97 -6.80
C TYR A 255 -5.85 24.34 -5.33
N ASP A 256 -6.96 24.05 -4.66
CA ASP A 256 -7.03 24.30 -3.21
C ASP A 256 -5.93 23.53 -2.48
N TYR A 257 -5.74 22.26 -2.88
CA TYR A 257 -4.71 21.42 -2.28
C TYR A 257 -3.32 22.02 -2.45
N ILE A 258 -2.94 22.30 -3.69
CA ILE A 258 -1.57 22.75 -3.90
C ILE A 258 -1.41 24.16 -3.31
N ASP A 259 -2.49 24.95 -3.26
CA ASP A 259 -2.41 26.27 -2.65
C ASP A 259 -2.24 26.18 -1.14
N LYS A 260 -2.88 25.19 -0.51
CA LYS A 260 -2.75 25.02 0.94
C LYS A 260 -1.28 24.78 1.32
N TYR A 261 -0.57 24.01 0.50
CA TYR A 261 0.82 23.66 0.83
C TYR A 261 1.81 24.52 0.06
N ASN A 262 1.28 25.55 -0.61
CA ASN A 262 2.08 26.48 -1.39
C ASN A 262 2.97 25.71 -2.37
N ILE A 263 2.34 24.72 -3.03
CA ILE A 263 2.92 23.85 -4.07
C ILE A 263 2.63 24.41 -5.46
N GLU A 264 3.59 24.29 -6.38
CA GLU A 264 3.38 24.68 -7.76
CA GLU A 264 3.37 24.67 -7.77
C GLU A 264 3.26 23.45 -8.66
N LEU A 265 2.24 23.42 -9.52
CA LEU A 265 2.15 22.33 -10.49
C LEU A 265 3.26 22.47 -11.52
N ASP A 266 3.72 21.33 -12.01
CA ASP A 266 4.61 21.28 -13.17
C ASP A 266 3.95 22.08 -14.28
N PRO A 267 4.67 23.05 -14.87
CA PRO A 267 3.99 23.84 -15.91
C PRO A 267 3.53 23.01 -17.10
N ARG A 268 3.99 21.77 -17.22
CA ARG A 268 3.54 20.96 -18.34
C ARG A 268 2.04 20.63 -18.21
N PHE A 269 1.47 20.85 -17.04
CA PHE A 269 0.03 20.66 -16.86
C PHE A 269 -0.80 21.78 -17.49
N ASN A 270 -0.17 22.90 -17.83
CA ASN A 270 -0.89 24.05 -18.38
C ASN A 270 -1.73 23.69 -19.60
N ASP A 271 -1.25 22.75 -20.40
CA ASP A 271 -1.92 22.42 -21.65
C ASP A 271 -2.76 21.15 -21.58
N ILE A 272 -2.67 20.41 -20.49
CA ILE A 272 -3.35 19.11 -20.43
C ILE A 272 -4.38 18.99 -19.31
N LEU A 273 -4.32 19.87 -18.31
CA LEU A 273 -5.15 19.70 -17.12
C LEU A 273 -6.61 20.08 -17.32
N GLY A 274 -6.85 21.20 -18.00
CA GLY A 274 -8.21 21.68 -18.20
C GLY A 274 -8.92 22.16 -16.95
N ARG A 275 -10.23 22.40 -17.08
CA ARG A 275 -11.09 22.73 -15.94
C ARG A 275 -12.16 21.66 -15.81
N HIS A 276 -12.27 21.05 -14.63
CA HIS A 276 -13.20 19.96 -14.39
C HIS A 276 -13.93 20.12 -13.10
N SER A 277 -15.24 19.95 -13.17
CA SER A 277 -16.07 19.90 -11.98
C SER A 277 -15.78 18.65 -11.16
N ARG A 278 -16.05 18.70 -9.86
CA ARG A 278 -16.02 17.47 -9.08
C ARG A 278 -17.25 16.65 -9.46
N LYS A 279 -17.08 15.34 -9.56
CA LYS A 279 -18.18 14.46 -9.96
C LYS A 279 -18.77 13.77 -8.73
N ARG A 280 -20.03 13.35 -8.83
CA ARG A 280 -20.62 12.53 -7.77
C ARG A 280 -20.34 11.07 -8.09
N TRP A 281 -20.10 10.27 -7.05
CA TRP A 281 -19.63 8.91 -7.26
C TRP A 281 -20.67 8.03 -7.95
N GLU A 282 -21.93 8.44 -7.87
CA GLU A 282 -23.01 7.69 -8.50
C GLU A 282 -22.85 7.52 -10.01
N ARG A 283 -22.10 8.42 -10.65
CA ARG A 283 -21.96 8.32 -12.10
C ARG A 283 -21.22 7.04 -12.51
N PHE A 284 -20.47 6.44 -11.58
CA PHE A 284 -19.73 5.21 -11.87
C PHE A 284 -20.52 3.94 -11.60
N VAL A 285 -21.72 4.09 -11.06
CA VAL A 285 -22.60 2.97 -10.78
C VAL A 285 -23.39 2.59 -12.03
N HIS A 286 -23.45 1.29 -12.31
CA HIS A 286 -24.25 0.78 -13.42
C HIS A 286 -24.79 -0.59 -13.05
N SER A 287 -25.57 -1.20 -13.95
CA SER A 287 -26.29 -2.41 -13.56
C SER A 287 -25.36 -3.60 -13.25
N GLU A 288 -24.12 -3.53 -13.70
CA GLU A 288 -23.22 -4.67 -13.48
C GLU A 288 -22.37 -4.52 -12.23
N ASN A 289 -22.40 -3.36 -11.57
CA ASN A 289 -21.68 -3.21 -10.31
C ASN A 289 -22.57 -2.76 -9.16
N GLN A 290 -23.86 -2.49 -9.41
CA GLN A 290 -24.68 -1.83 -8.38
C GLN A 290 -24.84 -2.69 -7.11
N HIS A 291 -24.72 -4.00 -7.26
CA HIS A 291 -24.84 -4.90 -6.10
C HIS A 291 -23.64 -4.78 -5.16
N LEU A 292 -22.60 -4.10 -5.63
CA LEU A 292 -21.37 -3.90 -4.84
C LEU A 292 -21.37 -2.51 -4.20
N VAL A 293 -22.33 -1.68 -4.61
CA VAL A 293 -22.38 -0.30 -4.18
C VAL A 293 -23.53 -0.06 -3.20
N SER A 294 -23.26 0.75 -2.20
CA SER A 294 -24.21 1.15 -1.19
C SER A 294 -23.88 2.59 -0.82
N PRO A 295 -24.80 3.29 -0.14
CA PRO A 295 -24.45 4.63 0.32
C PRO A 295 -23.24 4.60 1.24
N GLU A 296 -23.14 3.55 2.06
CA GLU A 296 -21.99 3.42 2.95
C GLU A 296 -20.67 3.28 2.15
N ALA A 297 -20.68 2.48 1.09
CA ALA A 297 -19.49 2.28 0.28
C ALA A 297 -19.01 3.58 -0.34
N LEU A 298 -19.96 4.33 -0.89
CA LEU A 298 -19.61 5.58 -1.54
C LEU A 298 -19.11 6.62 -0.56
N ASP A 299 -19.73 6.72 0.62
CA ASP A 299 -19.24 7.65 1.61
C ASP A 299 -17.84 7.26 2.06
N PHE A 300 -17.63 5.98 2.32
CA PHE A 300 -16.31 5.51 2.72
C PHE A 300 -15.28 5.83 1.63
N LEU A 301 -15.60 5.48 0.39
CA LEU A 301 -14.69 5.80 -0.73
C LEU A 301 -14.37 7.28 -0.77
N ASP A 302 -15.42 8.09 -0.67
CA ASP A 302 -15.30 9.55 -0.76
C ASP A 302 -14.34 10.09 0.30
N LYS A 303 -14.33 9.44 1.45
CA LYS A 303 -13.50 9.92 2.55
C LYS A 303 -12.06 9.39 2.52
N LEU A 304 -11.80 8.41 1.65
CA LEU A 304 -10.43 7.98 1.38
C LEU A 304 -9.82 8.83 0.27
N LEU A 305 -10.59 9.06 -0.79
CA LEU A 305 -10.03 9.73 -1.96
C LEU A 305 -10.16 11.24 -1.86
N ARG A 306 -9.31 11.83 -1.04
CA ARG A 306 -9.19 13.28 -0.93
C ARG A 306 -7.85 13.71 -1.47
N TYR A 307 -7.78 14.80 -2.22
CA TYR A 307 -6.48 15.37 -2.57
C TYR A 307 -5.61 15.59 -1.34
N ASP A 308 -6.16 16.31 -0.36
CA ASP A 308 -5.40 16.67 0.84
C ASP A 308 -5.15 15.45 1.69
N HIS A 309 -3.90 15.05 1.76
CA HIS A 309 -3.54 13.85 2.53
C HIS A 309 -3.95 14.01 3.99
N GLN A 310 -3.94 15.23 4.52
CA GLN A 310 -4.39 15.45 5.90
C GLN A 310 -5.89 15.26 6.11
N SER A 311 -6.66 15.25 5.04
CA SER A 311 -8.12 15.10 5.15
C SER A 311 -8.63 13.67 5.03
N ARG A 312 -7.76 12.76 4.62
CA ARG A 312 -8.19 11.37 4.42
C ARG A 312 -8.46 10.69 5.75
N LEU A 313 -9.38 9.73 5.75
CA LEU A 313 -9.55 8.84 6.90
C LEU A 313 -8.22 8.19 7.26
N THR A 314 -7.93 8.11 8.57
CA THR A 314 -6.84 7.25 9.02
C THR A 314 -7.32 5.80 8.99
N ALA A 315 -6.40 4.85 9.09
CA ALA A 315 -6.80 3.46 9.05
C ALA A 315 -7.76 3.15 10.20
N ARG A 316 -7.48 3.67 11.39
CA ARG A 316 -8.35 3.42 12.53
C ARG A 316 -9.72 4.06 12.33
N GLU A 317 -9.74 5.29 11.83
CA GLU A 317 -11.02 5.94 11.57
C GLU A 317 -11.80 5.14 10.56
N ALA A 318 -11.10 4.64 9.55
CA ALA A 318 -11.75 3.89 8.51
C ALA A 318 -12.45 2.64 9.07
N MET A 319 -11.82 1.99 10.07
CA MET A 319 -12.40 0.79 10.64
CA MET A 319 -12.37 0.79 10.68
C MET A 319 -13.62 1.10 11.50
N GLU A 320 -13.81 2.37 11.85
CA GLU A 320 -15.00 2.81 12.56
C GLU A 320 -16.16 3.08 11.59
N HIS A 321 -15.90 3.04 10.28
CA HIS A 321 -16.90 3.50 9.31
C HIS A 321 -18.10 2.55 9.19
N PRO A 322 -19.32 3.11 9.04
CA PRO A 322 -20.54 2.30 8.89
C PRO A 322 -20.50 1.23 7.79
N TYR A 323 -19.65 1.40 6.77
CA TYR A 323 -19.46 0.39 5.74
C TYR A 323 -19.14 -1.00 6.34
N PHE A 324 -18.48 -1.01 7.48
CA PHE A 324 -18.05 -2.27 8.06
C PHE A 324 -18.99 -2.79 9.12
N TYR A 325 -20.11 -2.12 9.33
CA TYR A 325 -21.08 -2.60 10.32
C TYR A 325 -21.59 -4.02 9.96
N THR A 326 -21.68 -4.32 8.66
CA THR A 326 -22.20 -5.60 8.17
C THR A 326 -21.22 -6.76 8.38
N VAL A 327 -19.94 -6.40 8.47
CA VAL A 327 -18.87 -7.40 8.58
C VAL A 327 -18.84 -8.05 9.94
N VAL A 328 -18.93 -9.37 9.97
CA VAL A 328 -18.89 -10.11 11.22
C VAL A 328 -17.53 -9.95 11.89
N LYS A 329 -17.55 -9.48 13.14
CA LYS A 329 -16.30 -9.30 13.87
C LYS A 329 -15.96 -10.54 14.69
N ASP A 330 -14.67 -10.80 14.82
CA ASP A 330 -14.18 -12.01 15.49
C ASP A 330 -14.38 -11.95 17.00
#